data_5R5G
#
_entry.id   5R5G
#
_cell.length_a   49.420
_cell.length_b   52.320
_cell.length_c   101.550
_cell.angle_alpha   90.000
_cell.angle_beta   90.000
_cell.angle_gamma   90.000
#
_symmetry.space_group_name_H-M   'P 21 21 21'
#
loop_
_entity.id
_entity.type
_entity.pdbx_description
1 polymer 'Uridine diphosphate glucose pyrophosphatase NUDT22'
2 non-polymer 'methyl 2-[(2~{S})-1-ethanoyl-3-oxidanylidene-piperazin-2-yl]ethanoate'
3 non-polymer 'DIMETHYL SULFOXIDE'
4 water water
#
_entity_poly.entity_id   1
_entity_poly.type   'polypeptide(L)'
_entity_poly.pdbx_seq_one_letter_code
;SMDPEVTLLLQCPGGGLPQEQIQAELSPAHDRRPLPGGDEAITAIWETRLKAQPWLFDAPKFRLHSATLAPIGSRGPQLL
LRLGLTSYRDFLGTNWSSSAAWLRQQGATDWGDTQAYLADPLGVGAALATADDFLVFLRRSRQVAEAPGLVDVPGGHPEP
QALCPGGSPQHQDLAGQLVVHELFSSVLQEICDEVNLPLLTLSQPLLLGIARNETSAGRASAEFYVQCSLTSEQVRKHYL
SGGPEAHESTGIFFVETQNVRRLPETEMWAELCPSAKGAIILYNRVQGSPTGAALGSPALLPPL
;
_entity_poly.pdbx_strand_id   A
#
loop_
_chem_comp.id
_chem_comp.type
_chem_comp.name
_chem_comp.formula
DMS non-polymer 'DIMETHYL SULFOXIDE' 'C2 H6 O S'
S1M non-polymer 'methyl 2-[(2~{S})-1-ethanoyl-3-oxidanylidene-piperazin-2-yl]ethanoate' 'C9 H14 N2 O4'
#
# COMPACT_ATOMS: atom_id res chain seq x y z
N ASP A 3 5.41 9.73 -14.21
N ASP A 3 6.19 9.71 -13.61
CA ASP A 3 4.35 9.22 -13.30
CA ASP A 3 4.73 9.44 -13.38
C ASP A 3 4.19 10.17 -12.11
C ASP A 3 4.27 10.22 -12.15
N PRO A 4 3.57 11.36 -12.32
CA PRO A 4 3.42 12.33 -11.24
C PRO A 4 2.47 11.89 -10.12
N GLU A 5 1.62 10.87 -10.31
CA GLU A 5 0.65 10.55 -9.24
C GLU A 5 1.26 9.57 -8.24
N VAL A 6 2.50 9.13 -8.42
CA VAL A 6 3.19 8.26 -7.41
C VAL A 6 4.66 8.68 -7.17
N THR A 7 5.05 8.82 -5.90
CA THR A 7 6.43 9.13 -5.44
C THR A 7 6.91 8.04 -4.46
N LEU A 8 8.17 7.64 -4.54
CA LEU A 8 8.75 6.59 -3.67
C LEU A 8 9.28 7.26 -2.40
N LEU A 9 8.74 6.90 -1.26
CA LEU A 9 9.23 7.42 0.04
C LEU A 9 10.40 6.53 0.52
N LEU A 10 10.37 5.25 0.21
CA LEU A 10 11.37 4.26 0.72
C LEU A 10 11.54 3.15 -0.31
N GLN A 11 12.78 2.80 -0.62
CA GLN A 11 13.19 1.59 -1.40
C GLN A 11 13.99 0.70 -0.44
N CYS A 12 13.51 -0.49 -0.11
CA CYS A 12 14.18 -1.38 0.89
C CYS A 12 15.41 -2.02 0.27
N PRO A 13 16.47 -2.27 1.08
CA PRO A 13 17.64 -3.01 0.59
C PRO A 13 17.51 -4.53 0.69
N GLY A 14 18.51 -5.20 0.13
CA GLY A 14 18.69 -6.66 0.24
C GLY A 14 17.57 -7.47 -0.38
N GLY A 15 16.86 -6.93 -1.38
CA GLY A 15 15.70 -7.57 -2.04
C GLY A 15 14.43 -7.49 -1.20
N GLY A 16 14.43 -6.69 -0.13
CA GLY A 16 13.27 -6.43 0.73
C GLY A 16 13.50 -6.91 2.15
N LEU A 17 12.81 -6.31 3.13
CA LEU A 17 13.05 -6.55 4.57
C LEU A 17 12.02 -7.51 5.19
N PRO A 18 12.46 -8.55 5.92
CA PRO A 18 11.55 -9.37 6.72
C PRO A 18 11.09 -8.63 7.98
N GLN A 19 10.01 -9.13 8.59
CA GLN A 19 9.38 -8.62 9.85
C GLN A 19 10.46 -8.35 10.93
N GLU A 20 11.39 -9.29 11.12
CA GLU A 20 12.28 -9.32 12.31
C GLU A 20 13.33 -8.20 12.20
N GLN A 21 13.43 -7.55 11.04
CA GLN A 21 14.42 -6.46 10.82
C GLN A 21 13.77 -5.08 10.92
N ILE A 22 12.50 -4.98 11.31
CA ILE A 22 11.77 -3.69 11.35
C ILE A 22 11.30 -3.36 12.77
N GLN A 23 11.54 -2.11 13.17
CA GLN A 23 11.07 -1.49 14.45
C GLN A 23 9.99 -0.46 14.15
N ALA A 24 8.98 -0.36 15.00
CA ALA A 24 8.00 0.74 14.92
C ALA A 24 8.04 1.57 16.20
N GLU A 25 7.87 2.88 16.06
CA GLU A 25 7.63 3.81 17.18
C GLU A 25 6.22 4.41 16.97
N LEU A 26 5.26 3.94 17.77
CA LEU A 26 3.86 4.41 17.72
C LEU A 26 3.70 5.46 18.83
N SER A 27 3.49 6.72 18.48
CA SER A 27 3.59 7.86 19.42
C SER A 27 2.59 8.95 19.03
N PRO A 28 1.90 9.58 20.00
CA PRO A 28 1.02 10.71 19.68
C PRO A 28 1.80 11.91 19.11
N ALA A 29 3.14 11.94 19.19
CA ALA A 29 3.98 12.94 18.48
C ALA A 29 3.88 12.76 16.96
N HIS A 30 3.41 11.61 16.47
CA HIS A 30 3.31 11.24 15.04
C HIS A 30 1.88 11.47 14.51
N ASP A 31 0.99 12.03 15.32
CA ASP A 31 -0.43 12.28 14.91
C ASP A 31 -0.52 13.47 13.98
N ARG A 32 -1.63 13.56 13.24
CA ARG A 32 -2.06 14.78 12.51
C ARG A 32 -2.12 15.96 13.50
N ARG A 33 -1.77 17.16 13.05
CA ARG A 33 -1.99 18.41 13.83
C ARG A 33 -3.45 18.84 13.70
N PRO A 34 -4.07 19.38 14.78
CA PRO A 34 -5.42 19.93 14.69
C PRO A 34 -5.48 21.00 13.58
N LEU A 35 -6.58 21.12 12.85
CA LEU A 35 -6.69 22.05 11.68
C LEU A 35 -6.62 23.50 12.19
N PRO A 36 -6.10 24.45 11.39
CA PRO A 36 -5.92 25.82 11.86
C PRO A 36 -7.21 26.44 12.44
N GLY A 37 -8.34 26.22 11.78
CA GLY A 37 -9.65 26.74 12.20
C GLY A 37 -10.41 25.76 13.09
N GLY A 38 -9.79 24.66 13.53
CA GLY A 38 -10.41 23.68 14.44
C GLY A 38 -10.86 22.44 13.68
N ASP A 39 -10.95 21.29 14.35
CA ASP A 39 -11.37 20.00 13.73
C ASP A 39 -12.91 19.94 13.51
N GLU A 40 -13.66 20.99 13.89
CA GLU A 40 -15.11 21.15 13.55
C GLU A 40 -15.36 21.00 12.04
N ALA A 41 -14.44 21.42 11.16
CA ALA A 41 -14.56 21.23 9.70
C ALA A 41 -14.62 19.74 9.32
N ILE A 42 -13.91 18.86 10.03
CA ILE A 42 -13.92 17.39 9.77
C ILE A 42 -15.29 16.85 10.23
N THR A 43 -15.69 17.22 11.44
CA THR A 43 -16.96 16.86 12.08
C THR A 43 -18.12 17.21 11.15
N ALA A 44 -18.13 18.42 10.55
CA ALA A 44 -19.21 18.90 9.64
C ALA A 44 -19.30 18.00 8.38
N ILE A 45 -18.17 17.67 7.75
CA ILE A 45 -18.15 16.81 6.52
C ILE A 45 -18.71 15.42 6.89
N TRP A 46 -18.37 14.92 8.07
CA TRP A 46 -18.78 13.56 8.54
C TRP A 46 -20.30 13.54 8.76
N GLU A 47 -20.84 14.57 9.42
CA GLU A 47 -22.31 14.72 9.65
C GLU A 47 -23.02 14.68 8.31
N THR A 48 -22.55 15.48 7.34
CA THR A 48 -23.21 15.59 6.03
C THR A 48 -23.28 14.18 5.41
N ARG A 49 -22.18 13.43 5.53
CA ARG A 49 -22.03 12.07 4.95
C ARG A 49 -22.98 11.09 5.63
N LEU A 50 -23.00 11.02 6.98
CA LEU A 50 -23.87 10.10 7.75
C LEU A 50 -25.34 10.43 7.48
N LYS A 51 -25.69 11.70 7.25
CA LYS A 51 -27.11 12.04 7.04
C LYS A 51 -27.59 11.59 5.65
N ALA A 52 -26.70 11.20 4.74
CA ALA A 52 -27.02 10.56 3.43
C ALA A 52 -26.77 9.06 3.47
N GLN A 53 -25.76 8.58 4.18
CA GLN A 53 -25.38 7.14 4.24
C GLN A 53 -25.20 6.76 5.71
N PRO A 54 -26.32 6.61 6.47
CA PRO A 54 -26.26 6.39 7.92
C PRO A 54 -25.74 5.01 8.36
N TRP A 55 -25.53 4.08 7.41
CA TRP A 55 -24.90 2.74 7.63
C TRP A 55 -23.36 2.83 7.63
N LEU A 56 -22.76 3.98 7.28
CA LEU A 56 -21.28 4.16 7.36
C LEU A 56 -20.81 4.09 8.82
N PHE A 57 -19.60 3.57 9.02
CA PHE A 57 -18.94 3.47 10.35
C PHE A 57 -17.54 4.09 10.27
N ASP A 58 -17.09 4.70 11.36
CA ASP A 58 -15.69 5.14 11.54
C ASP A 58 -14.87 3.90 11.95
N ALA A 59 -13.56 3.94 11.70
CA ALA A 59 -12.59 2.89 12.08
C ALA A 59 -11.25 3.56 12.32
N PRO A 60 -10.46 3.12 13.33
CA PRO A 60 -9.11 3.63 13.50
C PRO A 60 -8.19 3.11 12.38
N LYS A 61 -7.11 3.85 12.16
CA LYS A 61 -6.09 3.55 11.15
C LYS A 61 -4.72 3.93 11.71
N PHE A 62 -3.66 3.31 11.20
CA PHE A 62 -2.28 3.79 11.42
C PHE A 62 -2.04 5.02 10.53
N ARG A 63 -1.37 6.05 11.07
CA ARG A 63 -0.85 7.22 10.35
C ARG A 63 0.66 7.03 10.11
N LEU A 64 1.13 7.12 8.88
CA LEU A 64 2.59 7.23 8.57
C LEU A 64 3.07 8.67 8.81
N HIS A 65 4.03 8.85 9.73
CA HIS A 65 4.80 10.12 9.88
C HIS A 65 6.04 10.06 8.98
N SER A 66 6.85 9.01 9.13
CA SER A 66 8.14 8.88 8.41
C SER A 66 8.73 7.49 8.60
N ALA A 67 9.78 7.19 7.83
CA ALA A 67 10.44 5.87 7.83
C ALA A 67 11.93 6.09 7.56
N THR A 68 12.79 5.73 8.51
CA THR A 68 14.26 5.93 8.45
C THR A 68 14.96 4.58 8.27
N LEU A 69 15.67 4.41 7.16
CA LEU A 69 16.53 3.23 6.90
C LEU A 69 17.91 3.41 7.57
N ALA A 70 18.41 2.32 8.17
CA ALA A 70 19.77 2.23 8.74
C ALA A 70 20.80 2.38 7.61
N PRO A 71 22.08 2.69 7.93
CA PRO A 71 23.17 2.63 6.96
C PRO A 71 23.21 1.24 6.29
N ILE A 72 23.34 1.17 4.96
CA ILE A 72 23.24 -0.13 4.25
C ILE A 72 24.41 -1.01 4.71
N GLY A 73 24.15 -2.31 4.74
CA GLY A 73 25.15 -3.34 5.08
C GLY A 73 25.31 -3.54 6.57
N SER A 74 24.55 -2.80 7.39
CA SER A 74 24.67 -2.81 8.87
C SER A 74 23.97 -4.05 9.47
N ARG A 75 24.37 -4.34 10.70
CA ARG A 75 23.76 -5.36 11.57
C ARG A 75 22.65 -4.69 12.39
N GLY A 76 21.75 -5.50 12.93
CA GLY A 76 20.65 -5.03 13.80
C GLY A 76 19.48 -4.55 12.98
N PRO A 77 18.48 -3.90 13.63
CA PRO A 77 17.31 -3.36 12.95
C PRO A 77 17.67 -2.43 11.79
N GLN A 78 17.03 -2.64 10.65
CA GLN A 78 17.33 -1.97 9.35
C GLN A 78 16.33 -0.84 9.09
N LEU A 79 15.16 -0.84 9.73
CA LEU A 79 14.14 0.21 9.45
C LEU A 79 13.47 0.63 10.76
N LEU A 80 13.23 1.93 10.91
CA LEU A 80 12.35 2.51 11.96
C LEU A 80 11.15 3.18 11.27
N LEU A 81 9.94 2.68 11.54
CA LEU A 81 8.66 3.29 11.11
C LEU A 81 8.14 4.14 12.27
N ARG A 82 7.95 5.42 12.02
CA ARG A 82 7.30 6.35 12.96
C ARG A 82 5.83 6.43 12.59
N LEU A 83 4.98 5.95 13.50
CA LEU A 83 3.53 5.80 13.27
C LEU A 83 2.75 6.59 14.33
N GLY A 84 1.66 7.22 13.89
CA GLY A 84 0.62 7.72 14.80
C GLY A 84 -0.69 7.01 14.56
N LEU A 85 -1.78 7.58 15.05
CA LEU A 85 -3.15 7.01 14.83
C LEU A 85 -3.99 8.06 14.13
N THR A 86 -4.86 7.61 13.25
CA THR A 86 -5.86 8.44 12.55
C THR A 86 -7.15 7.62 12.46
N SER A 87 -8.04 7.97 11.54
CA SER A 87 -9.38 7.35 11.39
C SER A 87 -9.85 7.54 9.97
N TYR A 88 -10.82 6.72 9.56
CA TYR A 88 -11.57 6.85 8.29
C TYR A 88 -12.21 8.25 8.21
N ARG A 89 -12.85 8.68 9.30
CA ARG A 89 -13.50 10.04 9.40
C ARG A 89 -12.49 11.17 9.13
N ASP A 90 -11.31 11.10 9.74
CA ASP A 90 -10.25 12.14 9.55
C ASP A 90 -9.79 12.12 8.10
N PHE A 91 -9.63 10.93 7.51
CA PHE A 91 -9.29 10.79 6.06
C PHE A 91 -10.31 11.53 5.19
N LEU A 92 -11.61 11.32 5.43
CA LEU A 92 -12.69 11.88 4.57
C LEU A 92 -12.68 13.41 4.69
N GLY A 93 -12.35 13.94 5.87
CA GLY A 93 -12.34 15.39 6.13
C GLY A 93 -11.03 16.08 5.72
N THR A 94 -10.00 15.35 5.28
CA THR A 94 -8.66 15.95 4.98
C THR A 94 -8.19 15.50 3.59
N ASN A 95 -7.52 14.36 3.47
CA ASN A 95 -7.00 13.83 2.18
C ASN A 95 -8.08 13.82 1.09
N TRP A 96 -9.31 13.43 1.40
CA TRP A 96 -10.42 13.26 0.42
C TRP A 96 -11.14 14.60 0.18
N SER A 97 -10.92 15.60 1.02
CA SER A 97 -11.56 16.95 0.92
C SER A 97 -11.19 17.64 -0.39
N SER A 98 -12.11 18.46 -0.91
CA SER A 98 -11.87 19.32 -2.10
C SER A 98 -10.71 20.29 -1.81
N SER A 99 -10.53 20.69 -0.55
N SER A 99 -10.54 20.72 -0.55
CA SER A 99 -9.52 21.70 -0.12
CA SER A 99 -9.52 21.71 -0.13
C SER A 99 -8.22 21.04 0.35
C SER A 99 -8.21 21.05 0.34
N ALA A 100 -7.97 19.77 -0.02
CA ALA A 100 -6.76 19.03 0.42
C ALA A 100 -5.46 19.77 -0.01
N ALA A 101 -5.41 20.37 -1.21
CA ALA A 101 -4.22 21.12 -1.66
C ALA A 101 -4.00 22.35 -0.74
N TRP A 102 -5.08 23.04 -0.30
CA TRP A 102 -4.96 24.19 0.65
C TRP A 102 -4.37 23.73 2.00
N LEU A 103 -4.76 22.55 2.49
CA LEU A 103 -4.25 22.00 3.78
C LEU A 103 -2.75 21.68 3.66
N ARG A 104 -2.33 21.17 2.51
CA ARG A 104 -0.88 20.92 2.25
C ARG A 104 -0.09 22.23 2.28
N GLN A 105 -0.58 23.29 1.63
CA GLN A 105 0.11 24.61 1.59
C GLN A 105 0.24 25.18 3.02
N GLN A 106 -0.85 25.10 3.81
N GLN A 106 -0.84 25.09 3.80
CA GLN A 106 -0.91 25.61 5.21
CA GLN A 106 -0.91 25.61 5.19
C GLN A 106 0.06 24.82 6.09
C GLN A 106 0.04 24.81 6.10
N GLY A 107 0.16 23.50 5.88
CA GLY A 107 1.11 22.65 6.62
C GLY A 107 2.55 23.09 6.32
N ALA A 108 2.89 23.36 5.05
CA ALA A 108 4.20 23.90 4.65
C ALA A 108 4.49 25.22 5.41
N THR A 109 3.56 26.16 5.39
CA THR A 109 3.65 27.48 6.08
C THR A 109 3.85 27.33 7.60
N ASP A 110 2.99 26.58 8.28
CA ASP A 110 2.86 26.55 9.74
C ASP A 110 3.90 25.62 10.37
N TRP A 111 4.20 24.47 9.77
CA TRP A 111 4.98 23.38 10.39
C TRP A 111 6.18 22.97 9.53
N GLY A 112 6.42 23.58 8.36
CA GLY A 112 7.43 23.07 7.38
C GLY A 112 7.17 21.61 7.00
N ASP A 113 5.90 21.24 6.85
CA ASP A 113 5.50 19.82 6.59
C ASP A 113 4.17 19.81 5.84
N THR A 114 4.20 19.51 4.54
CA THR A 114 3.01 19.46 3.64
C THR A 114 1.96 18.47 4.19
N GLN A 115 2.35 17.49 5.03
CA GLN A 115 1.40 16.45 5.52
C GLN A 115 0.84 16.77 6.95
N ALA A 116 1.20 17.89 7.60
CA ALA A 116 0.96 18.13 9.05
C ALA A 116 -0.54 18.08 9.36
N TYR A 117 -1.37 18.57 8.44
CA TYR A 117 -2.84 18.69 8.57
C TYR A 117 -3.57 17.55 7.81
N LEU A 118 -2.86 16.50 7.39
CA LEU A 118 -3.48 15.36 6.62
C LEU A 118 -3.55 14.10 7.49
N ALA A 119 -4.67 13.40 7.46
CA ALA A 119 -4.87 12.08 8.11
C ALA A 119 -3.77 11.08 7.71
N ASP A 120 -3.51 10.91 6.41
CA ASP A 120 -2.43 10.05 5.85
C ASP A 120 -2.49 8.64 6.43
N PRO A 121 -3.66 7.95 6.40
CA PRO A 121 -3.75 6.53 6.81
C PRO A 121 -2.78 5.62 6.02
N LEU A 122 -2.12 4.70 6.71
CA LEU A 122 -1.14 3.79 6.05
C LEU A 122 -1.89 2.63 5.38
N GLY A 123 -1.76 2.52 4.05
CA GLY A 123 -2.24 1.36 3.29
C GLY A 123 -1.23 0.22 3.25
N VAL A 124 -1.66 -0.98 2.86
CA VAL A 124 -0.74 -2.11 2.51
C VAL A 124 -1.15 -2.68 1.15
N GLY A 125 -0.17 -3.15 0.39
CA GLY A 125 -0.38 -3.76 -0.94
C GLY A 125 0.63 -4.84 -1.19
N ALA A 126 0.33 -5.77 -2.09
CA ALA A 126 1.24 -6.90 -2.41
C ALA A 126 1.46 -7.03 -3.92
N ALA A 127 2.73 -7.17 -4.31
CA ALA A 127 3.15 -7.93 -5.50
C ALA A 127 3.09 -9.43 -5.12
N LEU A 128 2.01 -10.10 -5.55
CA LEU A 128 1.71 -11.52 -5.25
C LEU A 128 2.08 -12.37 -6.48
N ALA A 129 3.10 -13.22 -6.34
CA ALA A 129 3.64 -14.04 -7.45
C ALA A 129 3.12 -15.46 -7.30
N THR A 130 2.82 -16.11 -8.42
CA THR A 130 2.36 -17.51 -8.47
C THR A 130 3.56 -18.46 -8.65
N ALA A 131 3.31 -19.76 -8.49
CA ALA A 131 4.33 -20.83 -8.59
C ALA A 131 4.86 -20.87 -10.02
N ASP A 132 4.05 -20.47 -11.01
CA ASP A 132 4.38 -20.42 -12.47
C ASP A 132 4.82 -19.02 -12.98
N ASP A 133 5.21 -18.14 -12.05
N ASP A 133 5.19 -18.12 -12.08
CA ASP A 133 5.90 -16.85 -12.28
CA ASP A 133 5.92 -16.86 -12.40
C ASP A 133 4.98 -15.84 -13.00
C ASP A 133 4.98 -15.79 -13.00
N PHE A 134 3.78 -15.63 -12.44
CA PHE A 134 2.87 -14.51 -12.82
C PHE A 134 2.69 -13.62 -11.58
N LEU A 135 2.44 -12.32 -11.77
CA LEU A 135 1.84 -11.45 -10.72
C LEU A 135 0.32 -11.35 -10.90
N VAL A 136 -0.39 -11.18 -9.77
CA VAL A 136 -1.87 -11.19 -9.63
C VAL A 136 -2.40 -9.75 -9.65
N PHE A 137 -3.37 -9.48 -10.52
CA PHE A 137 -4.06 -8.16 -10.62
C PHE A 137 -5.59 -8.33 -10.42
N LEU A 138 -6.26 -7.29 -9.94
CA LEU A 138 -7.72 -7.27 -9.67
C LEU A 138 -8.34 -6.05 -10.38
N ARG A 139 -9.55 -6.18 -10.89
CA ARG A 139 -10.28 -5.05 -11.54
C ARG A 139 -11.23 -4.47 -10.51
N ARG A 140 -11.23 -3.15 -10.33
CA ARG A 140 -12.15 -2.46 -9.37
C ARG A 140 -13.52 -2.25 -10.02
N SER A 141 -14.60 -2.35 -9.25
CA SER A 141 -15.98 -1.95 -9.64
C SER A 141 -15.98 -0.53 -10.23
N ARG A 142 -16.74 -0.29 -11.29
CA ARG A 142 -16.90 1.04 -11.94
C ARG A 142 -17.85 1.91 -11.10
N GLN A 143 -18.38 1.38 -9.99
CA GLN A 143 -19.44 2.02 -9.17
C GLN A 143 -18.89 2.50 -7.82
N VAL A 144 -17.60 2.35 -7.50
CA VAL A 144 -17.07 2.79 -6.19
C VAL A 144 -16.51 4.21 -6.31
N ALA A 145 -16.28 4.87 -5.19
CA ALA A 145 -15.92 6.30 -5.11
C ALA A 145 -14.46 6.52 -5.52
N GLU A 146 -13.55 5.65 -5.04
CA GLU A 146 -12.10 5.78 -5.28
C GLU A 146 -11.68 4.91 -6.47
N ALA A 147 -10.95 5.51 -7.43
CA ALA A 147 -10.33 4.82 -8.57
C ALA A 147 -11.31 3.84 -9.20
N PRO A 148 -12.53 4.27 -9.58
CA PRO A 148 -13.49 3.36 -10.22
C PRO A 148 -13.00 2.75 -11.55
N GLY A 149 -13.20 1.45 -11.69
CA GLY A 149 -12.90 0.71 -12.93
C GLY A 149 -11.42 0.59 -13.21
N LEU A 150 -10.55 0.90 -12.24
CA LEU A 150 -9.09 0.84 -12.49
C LEU A 150 -8.57 -0.55 -12.05
N VAL A 151 -7.38 -0.91 -12.50
CA VAL A 151 -6.67 -2.15 -12.05
C VAL A 151 -6.00 -1.90 -10.69
N ASP A 152 -6.04 -2.89 -9.81
CA ASP A 152 -5.38 -2.82 -8.47
C ASP A 152 -4.57 -4.09 -8.23
N VAL A 153 -3.81 -4.12 -7.14
CA VAL A 153 -3.19 -5.36 -6.61
C VAL A 153 -3.88 -5.65 -5.28
N PRO A 154 -3.75 -6.86 -4.69
CA PRO A 154 -4.34 -7.13 -3.37
C PRO A 154 -3.82 -6.16 -2.30
N GLY A 155 -4.69 -5.76 -1.39
CA GLY A 155 -4.29 -4.98 -0.22
C GLY A 155 -5.49 -4.37 0.46
N GLY A 156 -5.23 -3.47 1.40
CA GLY A 156 -6.26 -2.83 2.24
C GLY A 156 -5.65 -1.76 3.12
N HIS A 157 -6.38 -1.29 4.13
CA HIS A 157 -5.93 -0.24 5.10
C HIS A 157 -6.16 -0.79 6.48
N PRO A 158 -5.14 -1.40 7.15
CA PRO A 158 -5.37 -2.13 8.39
C PRO A 158 -5.82 -1.22 9.55
N GLU A 159 -6.76 -1.75 10.33
CA GLU A 159 -7.26 -1.17 11.60
C GLU A 159 -6.40 -1.71 12.74
N PRO A 160 -5.78 -0.85 13.58
CA PRO A 160 -5.18 -1.23 14.87
C PRO A 160 -5.98 -2.11 15.86
N GLN A 161 -5.28 -3.01 16.56
CA GLN A 161 -5.78 -4.05 17.52
C GLN A 161 -7.11 -4.63 17.01
N ASP A 173 10.34 -0.43 21.19
CA ASP A 173 9.75 -1.45 20.26
C ASP A 173 8.84 -2.39 21.06
N LEU A 174 8.29 -1.98 22.21
CA LEU A 174 7.67 -2.95 23.15
C LEU A 174 6.15 -2.99 23.07
N ALA A 175 5.51 -2.05 22.38
CA ALA A 175 4.25 -2.32 21.64
C ALA A 175 4.55 -2.24 20.13
N GLY A 176 5.70 -1.61 19.75
CA GLY A 176 6.31 -1.56 18.41
C GLY A 176 6.28 -2.90 17.66
N GLN A 177 6.73 -3.98 18.29
CA GLN A 177 6.89 -5.29 17.60
C GLN A 177 5.50 -5.87 17.28
N LEU A 178 4.49 -5.57 18.11
CA LEU A 178 3.11 -6.06 17.87
C LEU A 178 2.52 -5.28 16.69
N VAL A 179 2.88 -4.02 16.56
CA VAL A 179 2.41 -3.16 15.46
C VAL A 179 3.02 -3.66 14.14
N VAL A 180 4.31 -3.94 14.10
CA VAL A 180 4.96 -4.50 12.87
C VAL A 180 4.27 -5.83 12.53
N HIS A 181 4.04 -6.69 13.51
CA HIS A 181 3.34 -8.00 13.33
C HIS A 181 1.95 -7.79 12.70
N GLU A 182 1.19 -6.78 13.16
N GLU A 182 1.21 -6.77 13.19
CA GLU A 182 -0.18 -6.53 12.63
CA GLU A 182 -0.15 -6.41 12.70
C GLU A 182 -0.07 -6.04 11.17
C GLU A 182 -0.06 -6.03 11.22
N LEU A 183 0.95 -5.24 10.84
CA LEU A 183 1.16 -4.81 9.42
C LEU A 183 1.44 -6.03 8.51
N PHE A 184 2.39 -6.90 8.84
CA PHE A 184 2.73 -8.09 8.02
C PHE A 184 1.52 -9.06 7.94
N SER A 185 0.87 -9.28 9.09
N SER A 185 0.81 -9.27 9.04
CA SER A 185 -0.36 -10.12 9.21
CA SER A 185 -0.34 -10.22 9.09
C SER A 185 -1.44 -9.60 8.26
C SER A 185 -1.55 -9.63 8.33
N SER A 186 -1.70 -8.29 8.28
CA SER A 186 -2.84 -7.67 7.54
C SER A 186 -2.69 -7.87 6.02
N VAL A 187 -1.48 -7.87 5.45
CA VAL A 187 -1.32 -8.08 3.98
C VAL A 187 -1.70 -9.55 3.62
N LEU A 188 -1.35 -10.54 4.45
CA LEU A 188 -1.76 -11.94 4.23
C LEU A 188 -3.27 -12.06 4.38
N GLN A 189 -3.84 -11.43 5.42
CA GLN A 189 -5.29 -11.52 5.69
C GLN A 189 -6.05 -10.93 4.50
N GLU A 190 -5.59 -9.80 3.94
CA GLU A 190 -6.24 -9.12 2.77
C GLU A 190 -6.16 -10.03 1.54
N ILE A 191 -5.06 -10.78 1.35
CA ILE A 191 -4.96 -11.79 0.25
C ILE A 191 -5.97 -12.93 0.48
N CYS A 192 -6.01 -13.55 1.66
CA CYS A 192 -7.04 -14.59 2.00
C CYS A 192 -8.46 -14.05 1.83
N ASP A 193 -8.79 -12.86 2.31
CA ASP A 193 -10.19 -12.32 2.22
C ASP A 193 -10.60 -12.04 0.76
N GLU A 194 -9.75 -11.46 -0.08
CA GLU A 194 -10.14 -10.96 -1.43
C GLU A 194 -9.86 -12.05 -2.47
N VAL A 195 -8.73 -12.77 -2.41
CA VAL A 195 -8.33 -13.73 -3.48
C VAL A 195 -8.83 -15.13 -3.08
N ASN A 196 -9.15 -15.33 -1.80
CA ASN A 196 -9.78 -16.57 -1.32
C ASN A 196 -8.73 -17.71 -1.33
N LEU A 197 -7.46 -17.39 -1.11
CA LEU A 197 -6.34 -18.37 -1.03
C LEU A 197 -6.19 -18.87 0.41
N PRO A 198 -5.82 -20.16 0.62
CA PRO A 198 -5.50 -20.64 1.96
C PRO A 198 -4.21 -19.99 2.43
N LEU A 199 -4.16 -19.63 3.71
CA LEU A 199 -3.00 -18.95 4.36
C LEU A 199 -1.74 -19.79 4.21
N LEU A 200 -1.87 -21.12 4.24
CA LEU A 200 -0.70 -22.04 4.15
C LEU A 200 -0.10 -22.08 2.76
N THR A 201 -0.69 -21.46 1.73
CA THR A 201 -0.07 -21.41 0.38
C THR A 201 0.79 -20.14 0.24
N LEU A 202 0.88 -19.30 1.28
CA LEU A 202 1.53 -17.95 1.20
C LEU A 202 2.86 -17.93 1.98
N SER A 203 3.91 -17.31 1.41
CA SER A 203 5.20 -17.01 2.08
C SER A 203 5.04 -15.92 3.14
N GLN A 204 5.96 -15.84 4.10
CA GLN A 204 6.08 -14.65 4.98
C GLN A 204 6.40 -13.46 4.06
N PRO A 205 5.69 -12.33 4.20
CA PRO A 205 5.97 -11.19 3.31
C PRO A 205 7.36 -10.56 3.49
N LEU A 206 7.86 -9.91 2.43
CA LEU A 206 9.02 -9.00 2.52
C LEU A 206 8.54 -7.58 2.20
N LEU A 207 8.98 -6.62 2.98
CA LEU A 207 8.69 -5.19 2.66
C LEU A 207 9.61 -4.73 1.52
N LEU A 208 9.03 -4.32 0.40
CA LEU A 208 9.78 -3.78 -0.77
C LEU A 208 10.06 -2.29 -0.56
N GLY A 209 9.09 -1.54 0.02
CA GLY A 209 9.21 -0.08 0.16
C GLY A 209 7.90 0.58 0.52
N ILE A 210 7.87 1.90 0.37
CA ILE A 210 6.68 2.75 0.68
C ILE A 210 6.50 3.72 -0.49
N ALA A 211 5.27 3.81 -0.99
CA ALA A 211 4.90 4.68 -2.13
C ALA A 211 3.79 5.61 -1.65
N ARG A 212 3.77 6.83 -2.21
CA ARG A 212 2.74 7.86 -1.89
C ARG A 212 1.91 8.12 -3.15
N ASN A 213 0.59 8.25 -2.96
CA ASN A 213 -0.48 8.59 -3.94
C ASN A 213 -0.68 10.11 -3.94
N GLU A 214 -0.12 10.83 -4.89
CA GLU A 214 -0.25 12.31 -5.01
C GLU A 214 -1.68 12.70 -5.44
N THR A 215 -2.48 11.77 -5.97
CA THR A 215 -3.90 12.03 -6.32
C THR A 215 -4.74 12.05 -5.03
N SER A 216 -4.24 11.43 -3.96
CA SER A 216 -4.95 11.39 -2.66
C SER A 216 -4.18 12.20 -1.62
N ALA A 217 -3.57 13.31 -2.04
CA ALA A 217 -2.87 14.33 -1.22
C ALA A 217 -1.68 13.72 -0.47
N GLY A 218 -1.07 12.65 -0.99
CA GLY A 218 0.23 12.17 -0.48
C GLY A 218 0.12 11.02 0.50
N ARG A 219 -1.05 10.39 0.66
CA ARG A 219 -1.11 9.23 1.61
C ARG A 219 -0.37 8.01 1.03
N ALA A 220 0.23 7.26 1.95
CA ALA A 220 1.30 6.27 1.70
C ALA A 220 0.74 4.85 1.86
N SER A 221 1.31 3.93 1.11
CA SER A 221 1.06 2.47 1.23
C SER A 221 2.41 1.75 1.33
N ALA A 222 2.53 0.86 2.31
CA ALA A 222 3.61 -0.14 2.42
C ALA A 222 3.37 -1.25 1.38
N GLU A 223 4.35 -1.47 0.48
CA GLU A 223 4.27 -2.46 -0.62
C GLU A 223 5.14 -3.66 -0.28
N PHE A 224 4.55 -4.86 -0.35
CA PHE A 224 5.19 -6.14 0.07
C PHE A 224 5.31 -7.09 -1.13
N TYR A 225 6.24 -8.04 -1.06
CA TYR A 225 6.35 -9.18 -1.99
C TYR A 225 5.86 -10.42 -1.25
N VAL A 226 4.91 -11.18 -1.83
CA VAL A 226 4.41 -12.45 -1.26
C VAL A 226 4.44 -13.48 -2.37
N GLN A 227 4.98 -14.66 -2.08
N GLN A 227 5.03 -14.64 -2.11
CA GLN A 227 5.04 -15.82 -3.00
CA GLN A 227 5.04 -15.81 -3.04
C GLN A 227 3.93 -16.80 -2.64
C GLN A 227 3.90 -16.76 -2.64
N CYS A 228 3.19 -17.28 -3.64
CA CYS A 228 2.15 -18.31 -3.47
C CYS A 228 2.68 -19.63 -4.08
N SER A 229 2.37 -20.76 -3.46
CA SER A 229 2.80 -22.11 -3.93
C SER A 229 1.83 -22.65 -4.98
N LEU A 230 0.70 -21.98 -5.20
CA LEU A 230 -0.28 -22.34 -6.27
C LEU A 230 0.12 -21.69 -7.60
N THR A 231 -0.21 -22.36 -8.71
CA THR A 231 -0.11 -21.86 -10.09
C THR A 231 -1.22 -20.85 -10.35
N SER A 232 -1.08 -20.02 -11.37
CA SER A 232 -2.07 -18.98 -11.78
C SER A 232 -3.45 -19.63 -12.05
N GLU A 233 -3.49 -20.82 -12.66
CA GLU A 233 -4.79 -21.49 -12.92
C GLU A 233 -5.45 -21.85 -11.59
N GLN A 234 -4.68 -22.31 -10.60
CA GLN A 234 -5.25 -22.68 -9.26
C GLN A 234 -5.71 -21.42 -8.51
N VAL A 235 -4.92 -20.33 -8.55
CA VAL A 235 -5.30 -19.04 -7.87
C VAL A 235 -6.65 -18.57 -8.43
N ARG A 236 -6.82 -18.61 -9.76
CA ARG A 236 -8.08 -18.21 -10.45
C ARG A 236 -9.26 -19.06 -9.93
N LYS A 237 -9.06 -20.37 -9.80
CA LYS A 237 -10.12 -21.31 -9.36
C LYS A 237 -10.55 -20.89 -7.96
N HIS A 238 -9.59 -20.59 -7.06
CA HIS A 238 -9.89 -20.24 -5.65
C HIS A 238 -10.65 -18.91 -5.60
N TYR A 239 -10.17 -17.89 -6.32
CA TYR A 239 -10.87 -16.58 -6.45
C TYR A 239 -12.32 -16.82 -6.92
N LEU A 240 -12.53 -17.52 -8.03
CA LEU A 240 -13.88 -17.60 -8.68
C LEU A 240 -14.83 -18.43 -7.80
N SER A 241 -14.30 -19.43 -7.08
CA SER A 241 -15.12 -20.42 -6.32
C SER A 241 -15.75 -19.76 -5.09
N GLY A 242 -15.37 -18.51 -4.77
CA GLY A 242 -16.04 -17.74 -3.70
C GLY A 242 -17.38 -17.15 -4.17
N GLY A 243 -17.51 -16.87 -5.46
CA GLY A 243 -18.76 -16.30 -6.03
C GLY A 243 -18.69 -14.77 -6.01
N PRO A 244 -19.63 -14.07 -6.68
CA PRO A 244 -19.61 -12.60 -6.68
C PRO A 244 -19.54 -11.95 -5.28
N GLU A 245 -20.12 -12.57 -4.24
CA GLU A 245 -20.20 -12.01 -2.86
C GLU A 245 -18.89 -12.21 -2.06
N ALA A 246 -17.96 -13.04 -2.54
CA ALA A 246 -16.72 -13.35 -1.81
C ALA A 246 -15.64 -12.30 -2.07
N HIS A 247 -15.84 -11.35 -3.00
CA HIS A 247 -14.80 -10.34 -3.30
C HIS A 247 -15.43 -8.99 -3.66
N GLU A 248 -14.69 -7.90 -3.41
CA GLU A 248 -15.08 -6.52 -3.75
C GLU A 248 -14.71 -6.26 -5.22
N SER A 249 -13.64 -6.86 -5.73
CA SER A 249 -13.22 -6.70 -7.15
C SER A 249 -14.22 -7.41 -8.09
N THR A 250 -14.16 -7.11 -9.39
CA THR A 250 -15.08 -7.68 -10.43
C THR A 250 -14.36 -8.68 -11.34
N GLY A 251 -13.06 -8.89 -11.17
CA GLY A 251 -12.29 -9.84 -11.99
C GLY A 251 -10.85 -9.96 -11.50
N ILE A 252 -10.17 -11.06 -11.89
CA ILE A 252 -8.74 -11.35 -11.58
C ILE A 252 -8.04 -11.62 -12.92
N PHE A 253 -6.76 -11.27 -13.02
CA PHE A 253 -5.95 -11.57 -14.23
C PHE A 253 -4.47 -11.60 -13.83
N PHE A 254 -3.61 -12.10 -14.71
CA PHE A 254 -2.20 -12.47 -14.40
C PHE A 254 -1.31 -11.91 -15.51
N VAL A 255 -0.14 -11.36 -15.15
CA VAL A 255 0.91 -10.93 -16.12
C VAL A 255 2.22 -11.65 -15.76
N GLU A 256 2.87 -12.27 -16.73
CA GLU A 256 4.16 -12.98 -16.50
C GLU A 256 5.15 -12.00 -15.86
N THR A 257 5.96 -12.43 -14.86
CA THR A 257 7.01 -11.58 -14.27
C THR A 257 7.93 -11.07 -15.39
N GLN A 258 8.17 -11.89 -16.42
CA GLN A 258 8.95 -11.48 -17.61
C GLN A 258 8.41 -10.15 -18.14
N ASN A 259 7.09 -10.00 -18.23
CA ASN A 259 6.44 -8.84 -18.92
C ASN A 259 6.21 -7.65 -17.96
N VAL A 260 6.33 -7.85 -16.64
CA VAL A 260 6.12 -6.76 -15.63
C VAL A 260 7.25 -5.74 -15.76
N ARG A 261 8.45 -6.22 -16.07
CA ARG A 261 9.63 -5.37 -16.38
C ARG A 261 9.24 -4.17 -17.28
N ARG A 262 8.46 -4.36 -18.34
CA ARG A 262 8.16 -3.26 -19.31
C ARG A 262 6.71 -2.78 -19.15
N LEU A 263 6.03 -3.10 -18.04
CA LEU A 263 4.60 -2.71 -17.87
C LEU A 263 4.40 -1.19 -18.02
N PRO A 264 5.29 -0.30 -17.53
CA PRO A 264 5.09 1.14 -17.68
C PRO A 264 5.04 1.62 -19.15
N GLU A 265 5.41 0.75 -20.10
CA GLU A 265 5.41 1.06 -21.55
C GLU A 265 4.15 0.49 -22.23
N THR A 266 3.28 -0.17 -21.47
CA THR A 266 2.05 -0.83 -21.98
C THR A 266 0.84 0.10 -21.82
N GLU A 267 -0.24 -0.20 -22.54
CA GLU A 267 -1.57 0.45 -22.37
C GLU A 267 -2.18 0.09 -21.01
N MET A 268 -1.73 -1.00 -20.36
CA MET A 268 -2.24 -1.38 -19.01
C MET A 268 -1.90 -0.25 -18.01
N TRP A 269 -0.76 0.41 -18.19
CA TRP A 269 -0.19 1.35 -17.19
C TRP A 269 -1.20 2.48 -16.91
N ALA A 270 -1.84 3.01 -17.94
CA ALA A 270 -2.84 4.10 -17.85
C ALA A 270 -4.06 3.67 -17.03
N GLU A 271 -4.28 2.37 -16.85
CA GLU A 271 -5.46 1.83 -16.13
C GLU A 271 -5.11 1.44 -14.69
N LEU A 272 -3.85 1.49 -14.27
CA LEU A 272 -3.42 1.09 -12.91
C LEU A 272 -3.67 2.24 -11.94
N CYS A 273 -4.32 1.98 -10.83
CA CYS A 273 -4.44 2.96 -9.72
C CYS A 273 -3.03 3.22 -9.14
N PRO A 274 -2.81 4.45 -8.63
CA PRO A 274 -1.50 4.89 -8.12
C PRO A 274 -0.80 3.94 -7.14
N SER A 275 -1.54 3.33 -6.22
CA SER A 275 -0.91 2.45 -5.20
C SER A 275 -0.46 1.13 -5.88
N ALA A 276 -1.19 0.63 -6.88
CA ALA A 276 -0.74 -0.53 -7.68
C ALA A 276 0.47 -0.16 -8.54
N LYS A 277 0.54 1.07 -9.08
CA LYS A 277 1.77 1.51 -9.80
C LYS A 277 2.98 1.49 -8.83
N GLY A 278 2.78 1.91 -7.58
CA GLY A 278 3.80 1.90 -6.52
C GLY A 278 4.36 0.50 -6.28
N ALA A 279 3.46 -0.48 -6.14
CA ALA A 279 3.79 -1.89 -5.96
C ALA A 279 4.63 -2.40 -7.15
N ILE A 280 4.25 -2.10 -8.39
CA ILE A 280 4.97 -2.62 -9.59
C ILE A 280 6.35 -1.96 -9.72
N ILE A 281 6.47 -0.65 -9.53
CA ILE A 281 7.78 0.07 -9.55
C ILE A 281 8.71 -0.57 -8.52
N LEU A 282 8.24 -0.77 -7.28
CA LEU A 282 9.11 -1.33 -6.20
C LEU A 282 9.46 -2.80 -6.51
N TYR A 283 8.52 -3.63 -6.98
CA TYR A 283 8.82 -5.01 -7.44
C TYR A 283 9.95 -4.98 -8.47
N ASN A 284 9.84 -4.12 -9.48
CA ASN A 284 10.88 -4.02 -10.56
C ASN A 284 12.24 -3.58 -10.00
N ARG A 285 12.27 -2.65 -9.05
CA ARG A 285 13.55 -2.09 -8.52
C ARG A 285 14.19 -3.04 -7.50
N VAL A 286 13.38 -3.71 -6.68
CA VAL A 286 13.88 -4.45 -5.48
C VAL A 286 13.94 -5.95 -5.74
N GLN A 287 12.92 -6.56 -6.38
CA GLN A 287 12.97 -8.03 -6.71
C GLN A 287 13.52 -8.21 -8.14
N GLY A 288 13.08 -7.43 -9.12
CA GLY A 288 13.73 -7.36 -10.45
C GLY A 288 15.07 -6.64 -10.35
N SER A 289 15.66 -6.23 -11.48
CA SER A 289 16.94 -5.47 -11.55
C SER A 289 18.05 -6.22 -10.81
N PRO A 290 18.55 -7.34 -11.38
CA PRO A 290 19.59 -8.14 -10.73
C PRO A 290 20.94 -7.38 -10.67
N THR A 291 21.79 -7.70 -9.69
CA THR A 291 23.09 -7.01 -9.45
C THR A 291 24.27 -7.93 -9.81
N GLY A 292 24.08 -9.24 -9.94
CA GLY A 292 25.18 -10.23 -10.11
C GLY A 292 25.44 -10.56 -11.58
N ALA A 293 26.57 -11.23 -11.87
CA ALA A 293 27.05 -11.57 -13.24
C ALA A 293 26.11 -12.57 -13.92
N ALA A 294 25.67 -13.63 -13.22
CA ALA A 294 24.74 -14.67 -13.75
C ALA A 294 23.41 -14.06 -14.23
N LEU A 295 22.62 -13.44 -13.34
CA LEU A 295 21.25 -12.94 -13.71
C LEU A 295 21.35 -11.69 -14.61
N GLY A 296 22.49 -10.98 -14.56
CA GLY A 296 22.80 -9.76 -15.33
C GLY A 296 23.32 -10.05 -16.73
N SER A 297 23.62 -11.31 -17.07
CA SER A 297 24.10 -11.75 -18.42
C SER A 297 23.04 -11.44 -19.49
N PRO A 298 23.42 -10.98 -20.70
CA PRO A 298 22.43 -10.56 -21.71
C PRO A 298 21.29 -11.56 -22.07
N ALA A 299 21.57 -12.87 -22.12
CA ALA A 299 20.53 -13.89 -22.45
C ALA A 299 19.44 -13.92 -21.37
N LEU A 300 19.80 -13.66 -20.09
CA LEU A 300 18.82 -13.66 -18.95
C LEU A 300 18.28 -12.25 -18.70
N LEU A 301 19.03 -11.19 -19.04
CA LEU A 301 18.56 -9.77 -18.87
C LEU A 301 18.63 -9.09 -20.23
N PRO A 302 17.62 -9.29 -21.10
CA PRO A 302 17.67 -8.75 -22.46
C PRO A 302 17.80 -7.23 -22.47
N PRO A 303 18.71 -6.63 -23.27
CA PRO A 303 18.80 -5.17 -23.37
C PRO A 303 17.55 -4.51 -23.98
N LEU A 304 17.11 -3.39 -23.41
CA LEU A 304 16.04 -2.48 -23.91
C LEU A 304 14.68 -2.94 -23.36
N1 S1M B . -15.11 1.22 5.17
C4 S1M B . -14.59 2.26 7.32
C5 S1M B . -16.89 2.33 6.33
C6 S1M B . -16.25 2.12 4.97
C7 S1M B . -17.25 1.68 3.91
C8 S1M B . -16.75 1.88 2.51
C1 S1M B . -16.06 -1.02 4.71
C2 S1M B . -14.89 -0.08 4.90
C3 S1M B . -14.07 1.91 5.94
C9 S1M B . -18.31 0.27 1.72
N2 S1M B . -16.05 2.32 7.36
O1 S1M B . -13.76 -0.54 4.86
O2 S1M B . -18.12 2.47 6.45
O3 S1M B . -16.20 2.87 2.11
O4 S1M B . -16.97 0.81 1.73
S DMS C . -19.19 -3.22 -12.30
O DMS C . -19.32 -4.62 -12.88
C1 DMS C . -17.74 -2.58 -13.03
C2 DMS C . -20.39 -2.21 -13.14
S DMS D . 1.96 -17.77 6.64
O DMS D . 1.76 -19.27 6.50
C1 DMS D . 0.99 -17.05 5.36
C2 DMS D . 1.01 -17.30 8.06
S DMS E . 5.92 29.80 10.96
O DMS E . 7.36 29.40 11.03
C1 DMS E . 5.06 28.71 12.04
C2 DMS E . 5.74 31.25 11.97
S DMS F . -3.47 -1.32 -3.54
O DMS F . -4.22 -0.04 -3.25
C1 DMS F . -1.77 -1.06 -3.06
C2 DMS F . -3.94 -2.41 -2.24
#